data_1SKP
#
_entry.id   1SKP
#
_cell.length_a   1.000
_cell.length_b   1.000
_cell.length_c   1.000
_cell.angle_alpha   90.00
_cell.angle_beta   90.00
_cell.angle_gamma   90.00
#
_symmetry.space_group_name_H-M   'P 1'
#
loop_
_entity.id
_entity.type
_entity.pdbx_description
1 polymer 'SIGMA-K RNA POLYMERASE CONSENSUS SEQUENCE'
2 polymer 'SIGMA-K RNA POLYMERASE CONSENSUS SEQUENCE'
#
loop_
_entity_poly.entity_id
_entity_poly.type
_entity_poly.pdbx_seq_one_letter_code
_entity_poly.pdbx_strand_id
1 'polydeoxyribonucleotide' (DG)(DC)(DA)(DT)(DA)(DT)(DG)(DA)(DT)(DA)(DG) A
2 'polydeoxyribonucleotide' (DC)(DT)(DA)(DT)(DC)(DA)(DT)(DA)(DT)(DG)(DC) B
#
loop_
_chem_comp.id
_chem_comp.type
_chem_comp.name
_chem_comp.formula
DA DNA linking 2'-DEOXYADENOSINE-5'-MONOPHOSPHATE 'C10 H14 N5 O6 P'
DC DNA linking 2'-DEOXYCYTIDINE-5'-MONOPHOSPHATE 'C9 H14 N3 O7 P'
DG DNA linking 2'-DEOXYGUANOSINE-5'-MONOPHOSPHATE 'C10 H14 N5 O7 P'
DT DNA linking THYMIDINE-5'-MONOPHOSPHATE 'C10 H15 N2 O8 P'
#